data_1YCI
#
_entry.id   1YCI
#
_cell.length_a   86.853
_cell.length_b   86.853
_cell.length_c   150.519
_cell.angle_alpha   90.00
_cell.angle_beta   90.00
_cell.angle_gamma   90.00
#
_symmetry.space_group_name_H-M   'P 41 21 2'
#
loop_
_entity.id
_entity.type
_entity.pdbx_description
1 polymer 'Hypoxia-inducible factor 1 alpha inhibitor'
2 non-polymer 'FE (II) ION'
3 non-polymer 'SULFATE ION'
4 non-polymer N-(CARBOXYCARBONYL)-D-PHENYLALANINE
5 water water
#
_entity_poly.entity_id   1
_entity_poly.type   'polypeptide(L)'
_entity_poly.pdbx_seq_one_letter_code
;MAATAAEAVASGSGEPREEAGALGPAWDESQLRSYSFPTRPIPRLSQSDPRAEELIENEEPVVLTDTNLVYPALKWDLEY
LQENIGNGDFSVYSASTHKFLYYDEKKMANFQNFKPRSNREEMKFHEFVEKLQDIQQRGGEERLYLQQTLNDTVGRKIVM
DFLGFNWNWINKQQGKRGWGQLTSNLLLIGMEGNVTPAHYDEQQNFFAQIKGYKRCILFPPDQFECLYPYPVHHPCDRQS
QVDFDNPDYERFPNFQNVVGYETVVGPGDVLYIPMYWWHHIESLLNGGITITVNFWYKGAPTPKRIEYPLKAHQKVAIMR
NIEKMLGEALGNPQEVGPLLNTMIKGRYN
;
_entity_poly.pdbx_strand_id   A
#
# COMPACT_ATOMS: atom_id res chain seq x y z
N GLY A 14 10.79 15.73 -5.51
CA GLY A 14 10.82 17.18 -5.85
C GLY A 14 10.76 18.09 -4.63
N GLU A 15 10.68 19.40 -4.86
CA GLU A 15 10.63 20.38 -3.78
C GLU A 15 9.20 20.56 -3.24
N PRO A 16 9.06 20.84 -1.93
CA PRO A 16 7.74 21.02 -1.30
C PRO A 16 6.86 21.99 -2.08
N ARG A 17 5.69 21.52 -2.49
CA ARG A 17 4.77 22.36 -3.23
C ARG A 17 4.23 23.48 -2.33
N GLU A 18 3.80 24.56 -2.96
CA GLU A 18 3.24 25.71 -2.27
C GLU A 18 1.72 25.70 -2.24
N GLU A 19 1.14 25.98 -1.07
CA GLU A 19 -0.30 26.01 -0.94
C GLU A 19 -0.88 27.36 -1.38
N ALA A 20 -2.06 27.30 -2.00
CA ALA A 20 -2.74 28.49 -2.50
C ALA A 20 -2.98 29.44 -1.34
N GLY A 21 -3.26 30.69 -1.67
CA GLY A 21 -3.51 31.69 -0.65
C GLY A 21 -2.28 31.94 0.20
N ALA A 22 -1.12 31.53 -0.32
CA ALA A 22 0.17 31.70 0.35
C ALA A 22 0.16 31.20 1.79
N LEU A 23 -0.33 29.99 2.00
CA LEU A 23 -0.39 29.43 3.34
C LEU A 23 0.92 28.73 3.70
N GLY A 24 1.93 28.92 2.84
CA GLY A 24 3.22 28.32 3.07
C GLY A 24 3.36 26.95 2.46
N PRO A 25 4.53 26.31 2.62
CA PRO A 25 4.77 24.98 2.07
C PRO A 25 3.92 23.92 2.75
N ALA A 26 3.43 22.97 1.96
CA ALA A 26 2.62 21.91 2.49
C ALA A 26 3.39 21.06 3.52
N TRP A 27 4.68 20.89 3.31
CA TRP A 27 5.55 20.10 4.19
C TRP A 27 7.00 20.50 3.93
N ASP A 28 7.92 19.94 4.71
CA ASP A 28 9.34 20.25 4.51
C ASP A 28 10.14 18.98 4.72
N GLU A 29 11.27 18.90 4.02
CA GLU A 29 12.13 17.74 4.09
C GLU A 29 12.29 17.10 5.47
N SER A 30 12.40 17.90 6.52
CA SER A 30 12.59 17.36 7.88
C SER A 30 11.50 16.39 8.35
N GLN A 31 10.44 16.27 7.57
CA GLN A 31 9.32 15.38 7.91
C GLN A 31 9.44 14.01 7.23
N LEU A 32 10.36 13.90 6.28
CA LEU A 32 10.58 12.66 5.55
C LEU A 32 11.71 11.86 6.21
N ARG A 33 11.63 10.54 6.14
CA ARG A 33 12.66 9.67 6.69
C ARG A 33 13.78 9.55 5.67
N SER A 34 14.99 9.29 6.15
CA SER A 34 16.15 9.19 5.26
C SER A 34 16.57 7.74 4.98
N TYR A 35 16.82 7.47 3.69
CA TYR A 35 17.18 6.15 3.25
C TYR A 35 18.39 6.15 2.35
N SER A 36 19.03 5.00 2.26
CA SER A 36 20.24 4.83 1.47
C SER A 36 20.11 4.83 -0.05
N PHE A 37 18.91 4.63 -0.57
CA PHE A 37 18.79 4.57 -2.02
C PHE A 37 18.31 5.86 -2.67
N PRO A 38 18.58 6.02 -3.96
CA PRO A 38 18.19 7.20 -4.71
C PRO A 38 16.78 7.02 -5.24
N THR A 39 16.14 8.14 -5.55
CA THR A 39 14.76 8.20 -6.02
C THR A 39 14.48 9.37 -6.96
N ARG A 40 13.54 9.15 -7.86
CA ARG A 40 13.16 10.18 -8.79
C ARG A 40 11.69 10.39 -8.61
N PRO A 41 11.26 11.63 -8.76
CA PRO A 41 9.85 12.01 -8.60
C PRO A 41 8.85 11.32 -9.53
N ILE A 42 7.63 11.10 -9.03
CA ILE A 42 6.56 10.52 -9.82
C ILE A 42 5.76 11.69 -10.42
N PRO A 43 5.41 11.61 -11.72
CA PRO A 43 4.65 12.65 -12.41
C PRO A 43 3.36 13.08 -11.72
N ARG A 44 3.19 14.40 -11.54
CA ARG A 44 1.95 14.92 -10.97
C ARG A 44 1.26 15.61 -12.13
N LEU A 45 0.21 14.98 -12.66
CA LEU A 45 -0.52 15.52 -13.81
C LEU A 45 -2.04 15.66 -13.65
N SER A 46 -2.67 16.18 -14.69
CA SER A 46 -4.10 16.34 -14.66
C SER A 46 -4.76 15.15 -15.31
N GLN A 47 -5.93 14.79 -14.79
CA GLN A 47 -6.71 13.69 -15.34
C GLN A 47 -7.00 13.89 -16.84
N SER A 48 -7.04 15.14 -17.29
CA SER A 48 -7.33 15.43 -18.70
C SER A 48 -6.04 15.44 -19.54
N ASP A 49 -4.90 15.28 -18.87
CA ASP A 49 -3.60 15.25 -19.55
C ASP A 49 -3.39 13.90 -20.21
N PRO A 50 -3.19 13.88 -21.54
CA PRO A 50 -2.97 12.66 -22.32
C PRO A 50 -1.80 11.83 -21.82
N ARG A 51 -0.76 12.49 -21.35
CA ARG A 51 0.41 11.77 -20.85
C ARG A 51 0.06 10.91 -19.65
N ALA A 52 -0.89 11.36 -18.85
CA ALA A 52 -1.30 10.62 -17.67
C ALA A 52 -2.10 9.39 -18.08
N GLU A 53 -2.93 9.56 -19.11
CA GLU A 53 -3.75 8.45 -19.59
C GLU A 53 -2.82 7.42 -20.20
N GLU A 54 -1.63 7.89 -20.54
CA GLU A 54 -0.60 7.07 -21.16
C GLU A 54 0.12 6.24 -20.11
N LEU A 55 0.49 6.88 -19.02
CA LEU A 55 1.17 6.18 -17.96
C LEU A 55 0.33 5.04 -17.39
N ILE A 56 -0.98 5.27 -17.27
CA ILE A 56 -1.87 4.24 -16.73
C ILE A 56 -1.96 3.08 -17.70
N GLU A 57 -2.10 3.42 -18.97
CA GLU A 57 -2.21 2.42 -20.02
C GLU A 57 -0.98 1.55 -20.09
N ASN A 58 0.14 2.06 -19.57
CA ASN A 58 1.37 1.29 -19.59
C ASN A 58 1.75 0.84 -18.21
N GLU A 59 0.76 0.75 -17.34
CA GLU A 59 0.99 0.31 -15.97
C GLU A 59 2.20 0.95 -15.28
N GLU A 60 2.21 2.27 -15.31
CA GLU A 60 3.24 3.06 -14.66
C GLU A 60 2.57 4.03 -13.71
N PRO A 61 3.16 4.24 -12.53
CA PRO A 61 2.59 5.15 -11.53
C PRO A 61 2.47 6.60 -12.01
N VAL A 62 1.53 7.33 -11.42
CA VAL A 62 1.31 8.74 -11.77
C VAL A 62 0.37 9.29 -10.72
N VAL A 63 0.51 10.58 -10.40
CA VAL A 63 -0.37 11.21 -9.42
C VAL A 63 -1.29 12.19 -10.15
N LEU A 64 -2.61 11.95 -10.08
CA LEU A 64 -3.64 12.80 -10.71
C LEU A 64 -4.11 13.81 -9.64
N THR A 65 -4.14 15.08 -10.01
CA THR A 65 -4.48 16.12 -9.05
C THR A 65 -5.86 16.74 -9.14
N ASP A 66 -6.63 16.36 -10.15
CA ASP A 66 -7.94 16.96 -10.33
C ASP A 66 -9.03 15.97 -10.76
N THR A 67 -9.05 14.80 -10.13
CA THR A 67 -10.05 13.80 -10.48
C THR A 67 -11.35 14.02 -9.74
N ASN A 68 -11.23 14.54 -8.51
CA ASN A 68 -12.40 14.78 -7.68
C ASN A 68 -12.99 13.44 -7.30
N LEU A 69 -12.13 12.43 -7.13
CA LEU A 69 -12.60 11.10 -6.79
C LEU A 69 -13.30 11.04 -5.42
N VAL A 70 -12.63 11.55 -4.40
CA VAL A 70 -13.19 11.54 -3.06
C VAL A 70 -13.53 12.93 -2.57
N TYR A 71 -14.08 13.74 -3.46
CA TYR A 71 -14.44 15.11 -3.11
C TYR A 71 -15.29 15.23 -1.83
N PRO A 72 -16.39 14.44 -1.73
CA PRO A 72 -17.27 14.49 -0.55
C PRO A 72 -16.59 14.10 0.75
N ALA A 73 -15.52 13.30 0.65
CA ALA A 73 -14.80 12.82 1.82
C ALA A 73 -13.71 13.78 2.29
N LEU A 74 -13.40 14.78 1.49
CA LEU A 74 -12.34 15.71 1.87
C LEU A 74 -12.65 16.46 3.16
N LYS A 75 -13.91 16.43 3.56
CA LYS A 75 -14.34 17.12 4.79
C LYS A 75 -14.30 16.20 6.02
N TRP A 76 -13.89 14.97 5.80
CA TRP A 76 -13.79 13.99 6.86
C TRP A 76 -12.69 14.31 7.85
N ASP A 77 -12.91 13.83 9.07
CA ASP A 77 -11.98 14.01 10.18
C ASP A 77 -12.51 13.12 11.31
N LEU A 78 -11.69 12.88 12.31
CA LEU A 78 -12.07 12.02 13.43
C LEU A 78 -13.46 12.36 13.99
N GLU A 79 -13.71 13.65 14.21
CA GLU A 79 -14.98 14.12 14.74
C GLU A 79 -16.15 13.72 13.84
N TYR A 80 -16.20 14.33 12.67
CA TYR A 80 -17.27 14.05 11.71
C TYR A 80 -17.46 12.57 11.49
N LEU A 81 -16.37 11.84 11.36
CA LEU A 81 -16.44 10.41 11.13
C LEU A 81 -17.10 9.66 12.28
N GLN A 82 -16.56 9.82 13.49
CA GLN A 82 -17.10 9.15 14.65
C GLN A 82 -18.60 9.34 14.80
N GLU A 83 -19.07 10.49 14.36
CA GLU A 83 -20.48 10.82 14.44
C GLU A 83 -21.39 10.15 13.41
N ASN A 84 -20.90 9.99 12.19
CA ASN A 84 -21.69 9.41 11.10
C ASN A 84 -21.23 8.04 10.60
N ILE A 85 -20.03 7.65 10.99
CA ILE A 85 -19.45 6.39 10.55
C ILE A 85 -20.27 5.17 10.97
N GLY A 86 -21.43 5.41 11.57
CA GLY A 86 -22.24 4.30 12.01
C GLY A 86 -21.68 3.67 13.28
N ASN A 87 -22.04 2.42 13.53
CA ASN A 87 -21.56 1.77 14.72
C ASN A 87 -21.25 0.32 14.45
N GLY A 88 -20.11 0.11 13.81
CA GLY A 88 -19.69 -1.23 13.47
C GLY A 88 -18.31 -1.49 14.01
N ASP A 89 -17.74 -2.63 13.63
CA ASP A 89 -16.41 -3.05 14.07
C ASP A 89 -15.34 -2.68 13.04
N PHE A 90 -14.30 -2.01 13.52
CA PHE A 90 -13.20 -1.60 12.65
C PHE A 90 -11.90 -2.25 13.12
N SER A 91 -11.15 -2.84 12.20
CA SER A 91 -9.89 -3.46 12.54
C SER A 91 -8.85 -2.38 12.84
N VAL A 92 -8.18 -2.46 13.99
CA VAL A 92 -7.17 -1.48 14.38
C VAL A 92 -5.86 -2.15 14.73
N TYR A 93 -4.82 -1.85 13.96
CA TYR A 93 -3.52 -2.45 14.19
C TYR A 93 -2.64 -1.63 15.13
N SER A 94 -1.87 -2.32 15.96
CA SER A 94 -0.98 -1.66 16.91
C SER A 94 0.49 -1.94 16.56
N ALA A 95 1.40 -1.16 17.13
CA ALA A 95 2.82 -1.35 16.88
C ALA A 95 3.64 -0.59 17.90
N SER A 96 4.69 -1.23 18.37
CA SER A 96 5.54 -0.61 19.35
C SER A 96 6.54 0.31 18.64
N THR A 97 6.61 0.15 17.33
CA THR A 97 7.51 0.95 16.53
C THR A 97 6.75 1.62 15.39
N HIS A 98 7.43 2.49 14.64
CA HIS A 98 6.77 3.14 13.54
C HIS A 98 6.49 2.19 12.37
N LYS A 99 7.19 1.06 12.33
CA LYS A 99 6.99 0.08 11.26
C LYS A 99 5.91 -0.91 11.62
N PHE A 100 4.93 -1.01 10.73
CA PHE A 100 3.83 -1.93 10.93
C PHE A 100 4.02 -3.24 10.19
N LEU A 101 4.01 -4.32 10.97
CA LEU A 101 4.16 -5.68 10.47
C LEU A 101 2.84 -6.27 9.99
N TYR A 102 2.63 -6.29 8.67
CA TYR A 102 1.43 -6.87 8.12
C TYR A 102 1.63 -8.40 7.98
N TYR A 103 0.90 -9.18 8.77
CA TYR A 103 1.03 -10.63 8.67
C TYR A 103 -0.30 -11.29 8.35
N ASP A 104 -0.26 -12.37 7.57
CA ASP A 104 -1.48 -13.10 7.21
C ASP A 104 -1.71 -14.20 8.25
N GLU A 105 -2.82 -14.10 8.98
CA GLU A 105 -3.13 -15.06 10.02
C GLU A 105 -3.48 -16.44 9.46
N LYS A 106 -3.89 -16.47 8.20
CA LYS A 106 -4.24 -17.72 7.53
C LYS A 106 -3.01 -18.53 7.04
N LYS A 107 -1.81 -18.08 7.40
CA LYS A 107 -0.57 -18.77 7.01
C LYS A 107 0.34 -19.02 8.20
N MET A 108 -0.08 -18.56 9.38
CA MET A 108 0.73 -18.71 10.58
C MET A 108 0.94 -20.15 10.98
N ALA A 109 0.11 -21.01 10.41
CA ALA A 109 0.17 -22.43 10.68
C ALA A 109 1.52 -22.99 10.22
N ASN A 110 1.81 -22.82 8.92
CA ASN A 110 3.05 -23.32 8.33
C ASN A 110 4.26 -22.91 9.15
N PHE A 111 4.43 -21.60 9.34
CA PHE A 111 5.56 -21.14 10.10
C PHE A 111 5.17 -20.87 11.54
N GLN A 112 5.09 -21.95 12.32
CA GLN A 112 4.73 -21.85 13.73
C GLN A 112 5.85 -21.14 14.48
N ASN A 113 7.03 -21.07 13.85
CA ASN A 113 8.19 -20.42 14.45
C ASN A 113 8.09 -18.90 14.31
N PHE A 114 6.94 -18.44 13.83
CA PHE A 114 6.69 -17.01 13.62
C PHE A 114 5.78 -16.39 14.68
N LYS A 115 6.27 -15.31 15.28
CA LYS A 115 5.51 -14.59 16.31
C LYS A 115 5.30 -13.14 15.84
N PRO A 116 4.03 -12.74 15.63
CA PRO A 116 3.64 -11.40 15.18
C PRO A 116 4.17 -10.25 16.04
N ARG A 117 4.60 -9.18 15.36
CA ARG A 117 5.12 -7.97 16.02
C ARG A 117 4.08 -6.83 15.95
N SER A 118 2.83 -7.21 15.64
CA SER A 118 1.69 -6.29 15.55
C SER A 118 0.39 -7.00 15.99
N ASN A 119 -0.41 -6.34 16.81
CA ASN A 119 -1.63 -6.98 17.27
C ASN A 119 -2.85 -6.27 16.72
N ARG A 120 -3.68 -7.02 16.02
CA ARG A 120 -4.91 -6.45 15.46
C ARG A 120 -6.00 -6.52 16.53
N GLU A 121 -7.05 -5.71 16.39
CA GLU A 121 -8.15 -5.70 17.36
C GLU A 121 -9.38 -4.98 16.81
N GLU A 122 -10.54 -5.64 16.87
CA GLU A 122 -11.78 -5.02 16.40
C GLU A 122 -12.30 -4.07 17.46
N MET A 123 -12.92 -2.97 17.04
CA MET A 123 -13.47 -2.02 17.99
C MET A 123 -14.37 -0.98 17.34
N LYS A 124 -15.17 -0.31 18.14
CA LYS A 124 -16.07 0.73 17.65
C LYS A 124 -15.26 1.99 17.42
N PHE A 125 -15.71 2.80 16.47
CA PHE A 125 -14.99 4.00 16.12
C PHE A 125 -14.73 4.85 17.35
N HIS A 126 -15.80 5.16 18.06
CA HIS A 126 -15.69 5.99 19.24
C HIS A 126 -14.59 5.47 20.15
N GLU A 127 -14.41 4.15 20.16
CA GLU A 127 -13.39 3.55 21.01
C GLU A 127 -12.02 3.87 20.45
N PHE A 128 -11.89 3.66 19.14
CA PHE A 128 -10.64 3.94 18.46
C PHE A 128 -10.20 5.35 18.77
N VAL A 129 -11.12 6.31 18.61
CA VAL A 129 -10.82 7.73 18.85
C VAL A 129 -10.35 7.96 20.28
N GLU A 130 -10.99 7.28 21.21
CA GLU A 130 -10.65 7.40 22.60
C GLU A 130 -9.25 6.85 22.85
N LYS A 131 -9.00 5.65 22.33
CA LYS A 131 -7.71 4.98 22.49
C LYS A 131 -6.62 5.81 21.88
N LEU A 132 -6.99 6.61 20.90
CA LEU A 132 -6.04 7.45 20.22
C LEU A 132 -5.78 8.74 20.99
N GLN A 133 -6.86 9.43 21.36
CA GLN A 133 -6.78 10.68 22.10
C GLN A 133 -6.12 10.39 23.44
N ASP A 134 -6.21 9.13 23.87
CA ASP A 134 -5.64 8.70 25.14
C ASP A 134 -4.11 8.73 25.07
N ILE A 135 -3.55 8.06 24.07
CA ILE A 135 -2.12 8.02 23.87
C ILE A 135 -1.57 9.45 23.81
N GLN A 136 -2.08 10.22 22.87
CA GLN A 136 -1.65 11.60 22.69
C GLN A 136 -1.74 12.39 23.98
N GLN A 137 -2.82 12.17 24.72
CA GLN A 137 -3.03 12.88 25.98
C GLN A 137 -2.30 12.26 27.17
N ARG A 138 -1.44 11.28 26.91
CA ARG A 138 -0.68 10.68 28.00
C ARG A 138 0.78 10.55 27.65
N GLY A 139 1.20 11.25 26.60
CA GLY A 139 2.60 11.21 26.17
C GLY A 139 3.14 9.81 25.92
N GLY A 140 2.30 8.94 25.36
CA GLY A 140 2.71 7.60 25.07
C GLY A 140 3.68 7.52 23.89
N GLU A 141 3.98 6.30 23.46
CA GLU A 141 4.89 6.06 22.34
C GLU A 141 4.29 5.06 21.33
N GLU A 142 3.29 4.32 21.78
CA GLU A 142 2.62 3.36 20.92
C GLU A 142 1.99 4.05 19.71
N ARG A 143 1.78 3.27 18.65
CA ARG A 143 1.19 3.77 17.41
C ARG A 143 0.02 2.88 16.98
N LEU A 144 -0.94 3.46 16.26
CA LEU A 144 -2.10 2.72 15.80
C LEU A 144 -2.33 2.95 14.31
N TYR A 145 -3.23 2.19 13.69
CA TYR A 145 -3.53 2.34 12.27
C TYR A 145 -4.85 1.63 12.00
N LEU A 146 -5.86 2.37 11.54
CA LEU A 146 -7.15 1.76 11.27
C LEU A 146 -7.28 1.42 9.81
N GLN A 147 -7.57 0.15 9.55
CA GLN A 147 -7.70 -0.31 8.19
C GLN A 147 -8.98 -1.12 8.15
N GLN A 148 -10.03 -0.59 7.57
CA GLN A 148 -11.30 -1.31 7.51
C GLN A 148 -12.04 -1.13 6.20
N THR A 149 -12.59 -2.22 5.68
CA THR A 149 -13.34 -2.16 4.43
C THR A 149 -14.64 -1.36 4.63
N LEU A 150 -15.12 -0.74 3.56
CA LEU A 150 -16.35 0.04 3.66
C LEU A 150 -17.54 -0.81 3.29
N ASN A 151 -18.10 -1.51 4.28
CA ASN A 151 -19.25 -2.38 4.08
C ASN A 151 -20.57 -1.64 4.18
N ASP A 152 -21.58 -2.30 4.73
CA ASP A 152 -22.90 -1.70 4.84
C ASP A 152 -23.17 -1.14 6.22
N THR A 153 -22.36 -1.55 7.20
CA THR A 153 -22.51 -1.09 8.58
C THR A 153 -22.14 0.39 8.71
N VAL A 154 -22.10 1.09 7.57
CA VAL A 154 -21.73 2.50 7.55
C VAL A 154 -22.91 3.42 7.73
N GLY A 155 -22.69 4.52 8.45
CA GLY A 155 -23.73 5.48 8.70
C GLY A 155 -24.39 5.98 7.44
N ARG A 156 -25.58 6.55 7.60
CA ARG A 156 -26.36 7.06 6.46
C ARG A 156 -25.64 8.23 5.78
N LYS A 157 -25.24 9.22 6.58
CA LYS A 157 -24.59 10.41 6.07
C LYS A 157 -23.32 10.11 5.31
N ILE A 158 -22.60 9.09 5.80
CA ILE A 158 -21.36 8.68 5.16
C ILE A 158 -21.68 8.02 3.84
N VAL A 159 -22.81 7.34 3.75
CA VAL A 159 -23.21 6.71 2.51
C VAL A 159 -23.44 7.78 1.44
N MET A 160 -23.84 8.96 1.89
CA MET A 160 -24.08 10.09 0.99
C MET A 160 -22.78 10.55 0.38
N ASP A 161 -21.74 10.57 1.21
CA ASP A 161 -20.42 10.99 0.75
C ASP A 161 -19.91 9.95 -0.26
N PHE A 162 -20.06 8.68 0.09
CA PHE A 162 -19.62 7.58 -0.76
C PHE A 162 -20.23 7.70 -2.13
N LEU A 163 -21.54 7.92 -2.14
CA LEU A 163 -22.25 8.05 -3.41
C LEU A 163 -21.75 9.28 -4.14
N GLY A 164 -21.13 10.20 -3.39
CA GLY A 164 -20.60 11.42 -3.96
C GLY A 164 -19.31 11.23 -4.75
N PHE A 165 -18.63 10.12 -4.53
CA PHE A 165 -17.39 9.89 -5.25
C PHE A 165 -17.58 9.98 -6.76
N ASN A 166 -16.51 10.26 -7.48
CA ASN A 166 -16.56 10.39 -8.93
C ASN A 166 -16.53 9.00 -9.60
N TRP A 167 -17.67 8.34 -9.62
CA TRP A 167 -17.75 7.01 -10.21
C TRP A 167 -17.77 7.07 -11.73
N ASN A 168 -18.11 8.24 -12.25
CA ASN A 168 -18.18 8.38 -13.70
C ASN A 168 -16.79 8.22 -14.28
N TRP A 169 -15.82 8.84 -13.61
CA TRP A 169 -14.43 8.85 -14.06
C TRP A 169 -13.73 7.52 -13.82
N ILE A 170 -13.82 7.06 -12.58
CA ILE A 170 -13.17 5.83 -12.23
C ILE A 170 -13.78 4.64 -12.98
N ASN A 171 -15.08 4.69 -13.27
CA ASN A 171 -15.71 3.56 -13.99
C ASN A 171 -15.24 3.49 -15.44
N LYS A 172 -14.76 4.62 -15.96
CA LYS A 172 -14.27 4.63 -17.32
C LYS A 172 -12.84 4.12 -17.35
N GLN A 173 -12.11 4.32 -16.26
CA GLN A 173 -10.72 3.83 -16.19
C GLN A 173 -10.79 2.31 -16.17
N GLN A 174 -11.68 1.80 -15.32
CA GLN A 174 -11.87 0.37 -15.20
C GLN A 174 -12.22 -0.21 -16.56
N GLY A 175 -13.10 0.49 -17.29
CA GLY A 175 -13.54 0.03 -18.59
C GLY A 175 -12.46 0.10 -19.65
N LYS A 176 -11.86 1.28 -19.79
CA LYS A 176 -10.80 1.49 -20.77
C LYS A 176 -9.62 0.54 -20.58
N ARG A 177 -9.30 0.24 -19.34
CA ARG A 177 -8.18 -0.63 -19.05
C ARG A 177 -8.58 -2.09 -19.06
N GLY A 178 -9.88 -2.34 -19.14
CA GLY A 178 -10.37 -3.71 -19.15
C GLY A 178 -10.13 -4.48 -17.87
N TRP A 179 -9.99 -3.75 -16.76
CA TRP A 179 -9.76 -4.36 -15.46
C TRP A 179 -10.98 -5.14 -15.00
N GLY A 180 -10.82 -5.82 -13.88
CA GLY A 180 -11.91 -6.61 -13.33
C GLY A 180 -12.79 -5.73 -12.50
N GLN A 181 -13.51 -6.35 -11.58
CA GLN A 181 -14.43 -5.63 -10.72
C GLN A 181 -13.79 -5.09 -9.45
N LEU A 182 -14.25 -3.92 -9.03
CA LEU A 182 -13.73 -3.31 -7.82
C LEU A 182 -13.86 -4.34 -6.73
N THR A 183 -12.75 -4.80 -6.19
CA THR A 183 -12.79 -5.78 -5.12
C THR A 183 -13.08 -5.17 -3.75
N SER A 184 -12.54 -3.99 -3.44
CA SER A 184 -12.83 -3.40 -2.14
C SER A 184 -12.30 -1.99 -2.02
N ASN A 185 -12.67 -1.33 -0.94
CA ASN A 185 -12.26 0.04 -0.65
C ASN A 185 -11.89 0.06 0.81
N LEU A 186 -10.65 0.39 1.13
CA LEU A 186 -10.26 0.43 2.53
C LEU A 186 -10.12 1.85 3.05
N LEU A 187 -10.59 2.05 4.27
CA LEU A 187 -10.49 3.35 4.91
C LEU A 187 -9.21 3.27 5.75
N LEU A 188 -8.24 4.12 5.45
CA LEU A 188 -6.99 4.07 6.21
C LEU A 188 -6.77 5.35 6.97
N ILE A 189 -6.75 5.24 8.29
CA ILE A 189 -6.51 6.38 9.16
C ILE A 189 -5.30 6.03 9.98
N GLY A 190 -4.21 6.78 9.81
CA GLY A 190 -3.00 6.49 10.56
C GLY A 190 -2.39 7.69 11.28
N MET A 191 -1.53 7.42 12.27
CA MET A 191 -0.87 8.46 13.06
C MET A 191 0.40 8.95 12.35
N GLU A 192 0.81 10.17 12.62
CA GLU A 192 2.03 10.68 11.99
C GLU A 192 3.21 9.76 12.31
N GLY A 193 4.16 9.65 11.40
CA GLY A 193 5.31 8.80 11.64
C GLY A 193 5.11 7.33 11.34
N ASN A 194 3.86 6.92 11.21
CA ASN A 194 3.50 5.54 10.89
C ASN A 194 4.09 5.12 9.56
N VAL A 195 4.56 3.88 9.48
CA VAL A 195 5.15 3.37 8.24
C VAL A 195 4.61 1.99 7.85
N THR A 196 4.40 1.80 6.55
CA THR A 196 3.93 0.55 5.97
C THR A 196 5.09 0.05 5.09
N PRO A 197 5.91 -0.91 5.59
CA PRO A 197 7.07 -1.50 4.91
C PRO A 197 6.80 -1.88 3.45
N ALA A 198 7.85 -1.88 2.64
CA ALA A 198 7.74 -2.21 1.23
C ALA A 198 7.08 -3.56 0.94
N HIS A 199 6.22 -3.59 -0.07
CA HIS A 199 5.51 -4.80 -0.47
C HIS A 199 4.76 -4.52 -1.79
N TYR A 200 4.08 -5.51 -2.32
CA TYR A 200 3.37 -5.26 -3.54
C TYR A 200 2.05 -5.96 -3.45
N ASP A 201 1.09 -5.55 -4.25
CA ASP A 201 -0.24 -6.15 -4.24
C ASP A 201 -0.57 -6.69 -5.63
N GLU A 202 -1.38 -7.72 -5.68
CA GLU A 202 -1.75 -8.34 -6.95
C GLU A 202 -2.95 -7.65 -7.65
N GLN A 203 -3.30 -6.46 -7.21
CA GLN A 203 -4.43 -5.77 -7.82
C GLN A 203 -4.06 -4.36 -8.21
N GLN A 204 -4.85 -3.76 -9.10
CA GLN A 204 -4.60 -2.39 -9.51
C GLN A 204 -5.12 -1.50 -8.38
N ASN A 205 -4.42 -0.41 -8.07
CA ASN A 205 -4.84 0.45 -6.97
C ASN A 205 -4.86 1.95 -7.27
N PHE A 206 -5.89 2.61 -6.77
CA PHE A 206 -6.07 4.05 -6.87
C PHE A 206 -6.08 4.56 -5.44
N PHE A 207 -4.97 5.15 -5.02
CA PHE A 207 -4.75 5.66 -3.66
C PHE A 207 -5.31 7.08 -3.58
N ALA A 208 -6.45 7.27 -2.93
CA ALA A 208 -7.08 8.58 -2.82
C ALA A 208 -6.80 9.26 -1.48
N GLN A 209 -5.88 10.24 -1.48
CA GLN A 209 -5.52 10.93 -0.23
C GLN A 209 -6.62 11.89 0.18
N ILE A 210 -6.93 11.90 1.49
CA ILE A 210 -8.00 12.73 2.05
C ILE A 210 -7.54 13.73 3.11
N LYS A 211 -6.85 13.26 4.14
CA LYS A 211 -6.43 14.17 5.19
C LYS A 211 -4.98 13.86 5.52
N GLY A 212 -4.16 14.89 5.64
CA GLY A 212 -2.76 14.66 5.94
C GLY A 212 -1.92 14.38 4.71
N TYR A 213 -0.63 14.15 4.89
CA TYR A 213 0.27 13.85 3.76
C TYR A 213 1.00 12.53 3.94
N LYS A 214 1.12 11.78 2.83
CA LYS A 214 1.80 10.49 2.80
C LYS A 214 2.88 10.43 1.72
N ARG A 215 4.07 9.99 2.12
CA ARG A 215 5.18 9.87 1.19
C ARG A 215 5.14 8.44 0.71
N CYS A 216 5.12 8.26 -0.60
CA CYS A 216 5.06 6.94 -1.21
C CYS A 216 6.25 6.69 -2.09
N ILE A 217 6.98 5.62 -1.78
CA ILE A 217 8.14 5.24 -2.59
C ILE A 217 7.83 3.90 -3.28
N LEU A 218 7.81 3.91 -4.62
CA LEU A 218 7.51 2.71 -5.43
C LEU A 218 8.71 2.15 -6.20
N PHE A 219 8.66 0.85 -6.50
CA PHE A 219 9.73 0.17 -7.22
C PHE A 219 9.07 -0.73 -8.26
N PRO A 220 9.60 -0.74 -9.46
CA PRO A 220 9.05 -1.56 -10.55
C PRO A 220 9.17 -3.03 -10.23
N PRO A 221 8.29 -3.84 -10.84
CA PRO A 221 8.31 -5.28 -10.62
C PRO A 221 9.66 -5.97 -10.90
N ASP A 222 10.40 -5.44 -11.87
CA ASP A 222 11.69 -6.02 -12.22
C ASP A 222 12.76 -5.85 -11.14
N GLN A 223 12.45 -5.11 -10.08
CA GLN A 223 13.42 -4.91 -8.98
C GLN A 223 13.31 -6.07 -8.01
N PHE A 224 12.66 -7.14 -8.45
CA PHE A 224 12.46 -8.31 -7.63
C PHE A 224 13.71 -8.79 -6.90
N GLU A 225 14.82 -8.87 -7.64
CA GLU A 225 16.09 -9.34 -7.11
C GLU A 225 16.66 -8.43 -6.04
N CYS A 226 16.19 -7.19 -5.98
CA CYS A 226 16.71 -6.25 -4.99
C CYS A 226 15.91 -6.14 -3.71
N LEU A 227 14.66 -6.62 -3.72
CA LEU A 227 13.83 -6.50 -2.54
C LEU A 227 13.55 -7.77 -1.74
N TYR A 228 14.09 -8.88 -2.19
CA TYR A 228 13.96 -10.15 -1.48
C TYR A 228 12.67 -10.39 -0.70
N PRO A 229 11.55 -10.59 -1.38
CA PRO A 229 10.29 -10.82 -0.67
C PRO A 229 10.29 -12.16 0.10
N TYR A 230 9.50 -12.26 1.15
CA TYR A 230 9.40 -13.50 1.91
C TYR A 230 8.90 -14.67 1.03
N PRO A 231 9.03 -15.92 1.53
CA PRO A 231 8.55 -17.06 0.74
C PRO A 231 7.04 -16.96 0.62
N VAL A 232 6.50 -17.44 -0.51
CA VAL A 232 5.06 -17.40 -0.75
C VAL A 232 4.21 -17.97 0.39
N HIS A 233 4.61 -19.09 0.98
CA HIS A 233 3.84 -19.69 2.08
C HIS A 233 4.05 -19.02 3.44
N HIS A 234 4.94 -18.04 3.49
CA HIS A 234 5.20 -17.35 4.74
C HIS A 234 4.14 -16.29 5.02
N PRO A 235 3.75 -16.11 6.29
CA PRO A 235 2.75 -15.13 6.72
C PRO A 235 2.99 -13.73 6.15
N CYS A 236 4.24 -13.40 5.88
CA CYS A 236 4.56 -12.08 5.34
C CYS A 236 4.78 -12.09 3.84
N ASP A 237 4.22 -13.09 3.18
CA ASP A 237 4.35 -13.21 1.74
C ASP A 237 4.04 -11.86 1.07
N ARG A 238 4.78 -11.54 0.02
CA ARG A 238 4.60 -10.28 -0.73
C ARG A 238 5.29 -9.07 -0.11
N GLN A 239 5.96 -9.30 1.02
CA GLN A 239 6.68 -8.24 1.71
C GLN A 239 8.19 -8.40 1.61
N SER A 240 8.90 -7.28 1.63
CA SER A 240 10.34 -7.30 1.54
C SER A 240 10.97 -7.65 2.87
N GLN A 241 11.99 -8.49 2.81
CA GLN A 241 12.66 -8.90 4.03
C GLN A 241 13.68 -7.86 4.46
N VAL A 242 14.07 -7.02 3.52
CA VAL A 242 15.07 -5.99 3.76
C VAL A 242 14.58 -4.88 4.67
N ASP A 243 15.27 -4.66 5.79
CA ASP A 243 14.91 -3.58 6.73
C ASP A 243 15.46 -2.27 6.16
N PHE A 244 14.57 -1.39 5.68
CA PHE A 244 14.99 -0.12 5.10
C PHE A 244 15.73 0.82 6.03
N ASP A 245 15.47 0.67 7.33
CA ASP A 245 16.13 1.51 8.32
C ASP A 245 17.54 1.02 8.65
N ASN A 246 17.77 -0.28 8.47
CA ASN A 246 19.08 -0.90 8.71
C ASN A 246 19.29 -2.10 7.77
N PRO A 247 19.56 -1.81 6.49
CA PRO A 247 19.78 -2.84 5.47
C PRO A 247 20.98 -3.75 5.72
N ASP A 248 20.73 -5.05 5.62
CA ASP A 248 21.76 -6.07 5.80
C ASP A 248 22.31 -6.46 4.44
N TYR A 249 23.29 -5.69 3.95
CA TYR A 249 23.85 -5.96 2.63
C TYR A 249 24.54 -7.31 2.50
N GLU A 250 24.58 -8.03 3.61
CA GLU A 250 25.20 -9.34 3.63
C GLU A 250 24.21 -10.33 3.04
N ARG A 251 23.01 -10.35 3.60
CA ARG A 251 21.99 -11.27 3.12
C ARG A 251 21.35 -10.81 1.85
N PHE A 252 21.12 -9.49 1.79
CA PHE A 252 20.44 -8.85 0.67
C PHE A 252 21.37 -7.92 -0.11
N PRO A 253 22.39 -8.49 -0.74
CA PRO A 253 23.36 -7.72 -1.53
C PRO A 253 22.83 -6.77 -2.60
N ASN A 254 21.77 -7.19 -3.30
CA ASN A 254 21.23 -6.37 -4.36
C ASN A 254 20.36 -5.21 -3.93
N PHE A 255 20.26 -4.97 -2.63
CA PHE A 255 19.45 -3.84 -2.21
C PHE A 255 20.28 -2.57 -2.44
N GLN A 256 21.53 -2.75 -2.83
CA GLN A 256 22.39 -1.61 -3.07
C GLN A 256 22.25 -1.19 -4.50
N ASN A 257 21.37 -1.85 -5.24
CA ASN A 257 21.14 -1.47 -6.63
C ASN A 257 19.74 -0.95 -6.84
N VAL A 258 18.95 -0.95 -5.77
CA VAL A 258 17.59 -0.49 -5.86
C VAL A 258 17.47 1.00 -6.16
N VAL A 259 16.50 1.35 -6.99
CA VAL A 259 16.24 2.74 -7.37
C VAL A 259 14.71 2.90 -7.41
N GLY A 260 14.19 3.85 -6.63
CA GLY A 260 12.74 4.04 -6.63
C GLY A 260 12.18 5.36 -7.15
N TYR A 261 10.85 5.44 -7.16
CA TYR A 261 10.14 6.62 -7.60
C TYR A 261 9.35 7.12 -6.40
N GLU A 262 9.57 8.35 -5.96
CA GLU A 262 8.79 8.82 -4.82
C GLU A 262 7.95 10.04 -5.13
N THR A 263 7.12 10.40 -4.15
CA THR A 263 6.20 11.55 -4.24
C THR A 263 5.43 11.68 -2.91
N VAL A 264 4.88 12.87 -2.67
CA VAL A 264 4.10 13.10 -1.46
C VAL A 264 2.70 13.49 -1.89
N VAL A 265 1.74 12.63 -1.52
CA VAL A 265 0.33 12.87 -1.83
C VAL A 265 -0.34 13.62 -0.70
N GLY A 266 -1.20 14.57 -1.07
CA GLY A 266 -1.92 15.37 -0.09
C GLY A 266 -3.39 15.31 -0.41
N PRO A 267 -4.22 16.01 0.39
CA PRO A 267 -5.67 16.02 0.18
C PRO A 267 -6.05 16.34 -1.26
N GLY A 268 -6.90 15.49 -1.82
CA GLY A 268 -7.35 15.70 -3.19
C GLY A 268 -6.55 14.97 -4.25
N ASP A 269 -5.33 14.55 -3.90
CA ASP A 269 -4.47 13.83 -4.85
C ASP A 269 -4.87 12.36 -4.92
N VAL A 270 -4.63 11.76 -6.08
CA VAL A 270 -4.91 10.35 -6.31
C VAL A 270 -3.67 9.72 -6.97
N LEU A 271 -3.13 8.68 -6.34
CA LEU A 271 -1.94 7.98 -6.84
C LEU A 271 -2.28 6.64 -7.43
N TYR A 272 -1.78 6.36 -8.62
CA TYR A 272 -2.04 5.09 -9.25
C TYR A 272 -0.86 4.19 -9.01
N ILE A 273 -1.11 3.08 -8.31
CA ILE A 273 -0.06 2.08 -8.00
C ILE A 273 -0.33 0.85 -8.86
N PRO A 274 0.43 0.67 -9.95
CA PRO A 274 0.21 -0.49 -10.83
C PRO A 274 0.35 -1.81 -10.05
N MET A 275 -0.46 -2.81 -10.41
CA MET A 275 -0.40 -4.10 -9.71
C MET A 275 1.03 -4.61 -9.80
N TYR A 276 1.46 -5.30 -8.75
CA TYR A 276 2.80 -5.88 -8.65
C TYR A 276 3.91 -4.87 -8.44
N TRP A 277 3.58 -3.59 -8.33
CA TRP A 277 4.61 -2.59 -8.08
C TRP A 277 4.86 -2.49 -6.59
N TRP A 278 6.11 -2.54 -6.19
CA TRP A 278 6.43 -2.41 -4.77
C TRP A 278 6.11 -1.00 -4.27
N HIS A 279 5.70 -0.90 -3.01
CA HIS A 279 5.44 0.42 -2.42
C HIS A 279 5.64 0.53 -0.90
N HIS A 280 6.37 1.56 -0.52
CA HIS A 280 6.65 1.85 0.87
C HIS A 280 5.85 3.13 1.15
N ILE A 281 4.97 3.11 2.15
CA ILE A 281 4.16 4.29 2.47
C ILE A 281 4.36 4.79 3.88
N GLU A 282 4.64 6.07 4.03
CA GLU A 282 4.85 6.59 5.36
C GLU A 282 4.12 7.91 5.53
N SER A 283 3.60 8.13 6.74
CA SER A 283 2.89 9.36 7.07
C SER A 283 3.89 10.37 7.61
N LEU A 284 3.97 11.53 6.96
CA LEU A 284 4.87 12.62 7.33
C LEU A 284 5.02 12.81 8.84
N LEU A 285 6.26 13.05 9.23
CA LEU A 285 6.61 13.25 10.62
C LEU A 285 6.01 14.56 11.09
N ASN A 286 5.33 14.52 12.23
CA ASN A 286 4.71 15.71 12.81
C ASN A 286 3.71 16.36 11.85
N GLY A 287 2.88 15.55 11.20
CA GLY A 287 1.91 16.06 10.26
C GLY A 287 0.49 15.67 10.61
N GLY A 288 0.22 15.53 11.90
CA GLY A 288 -1.12 15.15 12.30
C GLY A 288 -1.48 13.79 11.76
N ILE A 289 -2.74 13.42 11.87
CA ILE A 289 -3.18 12.13 11.37
C ILE A 289 -3.35 12.21 9.87
N THR A 290 -3.50 11.05 9.24
CA THR A 290 -3.66 10.94 7.79
C THR A 290 -4.83 10.01 7.49
N ILE A 291 -5.62 10.39 6.50
CA ILE A 291 -6.78 9.60 6.12
C ILE A 291 -6.70 9.35 4.64
N THR A 292 -6.91 8.10 4.24
CA THR A 292 -6.85 7.76 2.82
C THR A 292 -7.92 6.72 2.50
N VAL A 293 -8.23 6.55 1.23
CA VAL A 293 -9.21 5.56 0.81
C VAL A 293 -8.70 4.96 -0.50
N ASN A 294 -8.42 3.67 -0.52
CA ASN A 294 -7.92 3.05 -1.75
C ASN A 294 -9.03 2.33 -2.52
N PHE A 295 -8.77 2.06 -3.80
CA PHE A 295 -9.72 1.38 -4.67
C PHE A 295 -8.99 0.22 -5.32
N TRP A 296 -9.29 -1.00 -4.90
CA TRP A 296 -8.61 -2.16 -5.49
C TRP A 296 -9.43 -2.86 -6.54
N TYR A 297 -8.87 -2.99 -7.74
CA TYR A 297 -9.51 -3.66 -8.87
C TYR A 297 -8.69 -4.86 -9.35
N LYS A 298 -9.35 -5.87 -9.89
CA LYS A 298 -8.61 -7.01 -10.38
C LYS A 298 -8.04 -6.69 -11.74
N GLY A 299 -6.76 -6.98 -11.91
CA GLY A 299 -6.13 -6.70 -13.19
C GLY A 299 -6.89 -7.29 -14.37
N ALA A 300 -6.54 -6.83 -15.57
CA ALA A 300 -7.17 -7.32 -16.78
C ALA A 300 -6.88 -8.84 -16.87
N PRO A 301 -7.79 -9.61 -17.45
CA PRO A 301 -7.61 -11.06 -17.58
C PRO A 301 -6.40 -11.42 -18.45
N THR A 302 -6.00 -12.69 -18.40
CA THR A 302 -4.85 -13.19 -19.17
C THR A 302 -5.20 -13.38 -20.65
N PRO A 303 -4.38 -12.82 -21.56
CA PRO A 303 -4.56 -12.89 -23.02
C PRO A 303 -4.94 -14.24 -23.61
N LYS A 304 -4.73 -15.31 -22.85
CA LYS A 304 -5.07 -16.63 -23.33
C LYS A 304 -4.19 -17.04 -24.51
N ARG A 305 -3.25 -16.17 -24.87
CA ARG A 305 -2.32 -16.40 -25.96
C ARG A 305 -1.02 -15.69 -25.61
N ILE A 306 -0.35 -16.19 -24.57
CA ILE A 306 0.90 -15.61 -24.09
C ILE A 306 1.77 -15.01 -25.19
N GLU A 307 1.97 -13.71 -25.12
CA GLU A 307 2.77 -13.05 -26.13
C GLU A 307 4.08 -12.60 -25.53
N TYR A 308 5.17 -13.08 -26.11
CA TYR A 308 6.50 -12.76 -25.64
C TYR A 308 7.01 -11.52 -26.34
N PRO A 309 7.98 -10.84 -25.74
CA PRO A 309 8.63 -11.16 -24.45
C PRO A 309 7.72 -10.89 -23.27
N LEU A 310 7.92 -11.64 -22.19
CA LEU A 310 7.10 -11.47 -21.01
C LEU A 310 7.46 -10.22 -20.23
N LYS A 311 6.48 -9.65 -19.55
CA LYS A 311 6.73 -8.47 -18.74
C LYS A 311 7.17 -8.95 -17.35
N ALA A 312 7.96 -8.12 -16.68
CA ALA A 312 8.47 -8.44 -15.35
C ALA A 312 7.43 -9.03 -14.41
N HIS A 313 6.31 -8.35 -14.21
CA HIS A 313 5.29 -8.85 -13.29
C HIS A 313 4.75 -10.22 -13.68
N GLN A 314 4.81 -10.53 -14.96
CA GLN A 314 4.33 -11.83 -15.39
C GLN A 314 5.24 -12.94 -14.86
N LYS A 315 6.55 -12.70 -14.84
CA LYS A 315 7.50 -13.69 -14.36
C LYS A 315 7.32 -13.89 -12.85
N VAL A 316 7.03 -12.82 -12.14
CA VAL A 316 6.82 -12.90 -10.70
C VAL A 316 5.60 -13.78 -10.45
N ALA A 317 4.68 -13.76 -11.40
CA ALA A 317 3.47 -14.55 -11.27
C ALA A 317 3.83 -16.01 -11.41
N ILE A 318 4.80 -16.28 -12.28
CA ILE A 318 5.29 -17.63 -12.54
C ILE A 318 6.02 -18.16 -11.30
N MET A 319 6.90 -17.34 -10.72
CA MET A 319 7.62 -17.76 -9.54
C MET A 319 6.64 -18.09 -8.43
N ARG A 320 5.71 -17.19 -8.17
CA ARG A 320 4.70 -17.42 -7.14
C ARG A 320 4.00 -18.76 -7.34
N ASN A 321 3.67 -19.05 -8.60
CA ASN A 321 3.00 -20.29 -8.96
C ASN A 321 3.82 -21.52 -8.65
N ILE A 322 5.09 -21.48 -9.01
CA ILE A 322 5.99 -22.59 -8.76
C ILE A 322 6.01 -22.91 -7.27
N GLU A 323 6.23 -21.89 -6.44
CA GLU A 323 6.28 -22.05 -4.99
C GLU A 323 4.97 -22.67 -4.46
N LYS A 324 3.84 -22.17 -4.96
CA LYS A 324 2.53 -22.65 -4.54
C LYS A 324 2.32 -24.10 -4.87
N MET A 325 2.57 -24.46 -6.11
CA MET A 325 2.39 -25.83 -6.55
C MET A 325 3.40 -26.80 -5.96
N LEU A 326 4.61 -26.34 -5.73
CA LEU A 326 5.61 -27.19 -5.14
C LEU A 326 5.23 -27.50 -3.68
N GLY A 327 4.62 -26.55 -2.99
CA GLY A 327 4.22 -26.81 -1.62
C GLY A 327 3.05 -27.77 -1.57
N GLU A 328 2.35 -27.91 -2.70
CA GLU A 328 1.18 -28.80 -2.79
C GLU A 328 1.67 -30.21 -3.00
N ALA A 329 2.54 -30.36 -3.99
CA ALA A 329 3.12 -31.63 -4.33
C ALA A 329 3.81 -32.26 -3.14
N LEU A 330 4.68 -31.50 -2.47
CA LEU A 330 5.41 -32.02 -1.31
C LEU A 330 4.52 -32.19 -0.08
N GLY A 331 3.32 -31.62 -0.15
CA GLY A 331 2.38 -31.72 0.96
C GLY A 331 2.89 -30.99 2.20
N ASN A 332 3.93 -30.19 2.00
CA ASN A 332 4.52 -29.47 3.10
C ASN A 332 5.30 -28.28 2.61
N PRO A 333 4.83 -27.09 2.96
CA PRO A 333 5.49 -25.85 2.53
C PRO A 333 6.90 -25.68 3.10
N GLN A 334 7.19 -26.43 4.15
CA GLN A 334 8.50 -26.33 4.78
C GLN A 334 9.62 -26.91 3.91
N GLU A 335 9.29 -27.90 3.09
CA GLU A 335 10.28 -28.56 2.23
C GLU A 335 10.49 -27.86 0.89
N VAL A 336 9.67 -26.85 0.64
CA VAL A 336 9.79 -26.09 -0.60
C VAL A 336 11.22 -25.59 -0.78
N GLY A 337 11.79 -25.03 0.27
CA GLY A 337 13.15 -24.54 0.15
C GLY A 337 14.19 -25.60 -0.18
N PRO A 338 14.24 -26.67 0.61
CA PRO A 338 15.21 -27.74 0.38
C PRO A 338 15.19 -28.28 -1.03
N LEU A 339 13.99 -28.45 -1.58
CA LEU A 339 13.88 -28.99 -2.92
C LEU A 339 14.40 -28.04 -3.99
N LEU A 340 14.18 -26.75 -3.79
CA LEU A 340 14.64 -25.76 -4.73
C LEU A 340 16.15 -25.71 -4.74
N ASN A 341 16.77 -25.78 -3.57
CA ASN A 341 18.23 -25.77 -3.53
C ASN A 341 18.79 -27.03 -4.16
N THR A 342 18.14 -28.16 -3.92
CA THR A 342 18.54 -29.44 -4.46
C THR A 342 18.52 -29.38 -5.98
N MET A 343 17.57 -28.61 -6.51
CA MET A 343 17.37 -28.45 -7.93
C MET A 343 18.43 -27.59 -8.61
N ILE A 344 18.90 -26.57 -7.89
CA ILE A 344 19.85 -25.62 -8.41
C ILE A 344 21.35 -25.82 -8.15
N LYS A 345 21.67 -26.29 -6.95
CA LYS A 345 23.06 -26.49 -6.58
C LYS A 345 23.84 -27.34 -7.57
N GLY A 346 24.89 -26.73 -8.11
CA GLY A 346 25.76 -27.40 -9.06
C GLY A 346 25.12 -27.69 -10.41
N ARG A 347 23.94 -27.14 -10.67
CA ARG A 347 23.26 -27.38 -11.93
C ARG A 347 22.82 -26.08 -12.58
N TYR A 348 22.30 -25.15 -11.79
CA TYR A 348 21.86 -23.90 -12.39
C TYR A 348 22.56 -22.66 -11.87
N ASN A 349 23.51 -22.84 -10.97
CA ASN A 349 24.20 -21.68 -10.43
C ASN A 349 25.68 -21.68 -10.78
#